data_8E1A
#
_entry.id   8E1A
#
_cell.length_a   54.953
_cell.length_b   65.762
_cell.length_c   69.128
_cell.angle_alpha   90.00
_cell.angle_beta   90.00
_cell.angle_gamma   90.00
#
_symmetry.space_group_name_H-M   'P 21 21 21'
#
loop_
_entity.id
_entity.type
_entity.pdbx_description
1 polymer 'Androgen receptor'
2 non-polymer 4-[4-(3-fluoro-2-methoxyphenyl)-1,3-thiazol-2-yl]morpholine
3 non-polymer 1,2-ETHANEDIOL
4 water water
#
_entity_poly.entity_id   1
_entity_poly.type   'polypeptide(L)'
_entity_poly.pdbx_seq_one_letter_code
;MGSSHHHHHHSSGLVPRGSHMIEGYECQPIFLNVLEAIEPGVVCAGHDNNQPDSFAALLSSLNELGERQLVHVVKWAKAL
PGFRNLHVDDQMAVIQYSWMGLMVFAMGWRSFTNVNSRMLYFAPDLVFNEYRMHKSRMYSQCVRMRHLSQEFGWLQITPQ
EFLCMKALLLFSIIPVDGLKNQKFFDELRMNYIKELDRIIACKRKNPTSCSRRFYQLTKLLDSVQPIARELHQFAFDLLI
KSHMVSVDFPEMMAEIISVQVPKILSGKVKPIYFHTQ
;
_entity_poly.pdbx_strand_id   A
#
# COMPACT_ATOMS: atom_id res chain seq x y z
N GLN A 28 8.98 27.96 1.08
CA GLN A 28 9.26 26.62 1.76
C GLN A 28 8.17 25.57 1.40
N PRO A 29 8.57 24.38 0.94
CA PRO A 29 7.53 23.39 0.61
C PRO A 29 7.23 22.55 1.87
N ILE A 30 6.43 23.16 2.71
CA ILE A 30 6.15 22.56 4.04
C ILE A 30 5.59 21.17 3.88
N PHE A 31 4.57 20.97 3.12
CA PHE A 31 3.93 19.69 3.00
C PHE A 31 4.89 18.55 2.52
N LEU A 32 5.60 18.84 1.45
CA LEU A 32 6.56 17.86 1.00
C LEU A 32 7.76 17.67 1.92
N ASN A 33 8.17 18.71 2.61
CA ASN A 33 9.22 18.61 3.61
C ASN A 33 8.77 17.53 4.63
N VAL A 34 7.52 17.62 5.06
CA VAL A 34 7.03 16.68 6.09
C VAL A 34 7.02 15.29 5.51
N LEU A 35 6.45 15.11 4.30
CA LEU A 35 6.33 13.74 3.77
C LEU A 35 7.68 13.09 3.61
N GLU A 36 8.70 13.85 3.16
N GLU A 36 8.69 13.84 3.16
CA GLU A 36 10.05 13.27 3.07
CA GLU A 36 10.03 13.27 3.07
C GLU A 36 10.60 12.91 4.45
C GLU A 36 10.56 12.90 4.46
N ALA A 37 10.36 13.81 5.43
CA ALA A 37 10.93 13.60 6.76
C ALA A 37 10.38 12.34 7.42
N ILE A 38 9.11 12.02 7.19
CA ILE A 38 8.45 10.91 7.88
C ILE A 38 8.55 9.58 7.14
N GLU A 39 9.16 9.58 5.95
CA GLU A 39 9.13 8.42 5.14
C GLU A 39 9.96 7.33 5.86
N PRO A 40 9.42 6.13 5.94
CA PRO A 40 10.19 5.07 6.67
C PRO A 40 11.41 4.69 5.96
N GLY A 41 12.42 4.30 6.74
CA GLY A 41 13.60 3.69 6.26
C GLY A 41 13.40 2.20 5.93
N VAL A 42 14.51 1.53 5.76
CA VAL A 42 14.56 0.14 5.32
C VAL A 42 14.01 -0.76 6.41
N VAL A 43 13.17 -1.70 6.04
CA VAL A 43 12.61 -2.73 6.95
C VAL A 43 13.00 -4.08 6.37
N CYS A 44 13.62 -4.91 7.21
CA CYS A 44 14.04 -6.24 6.82
C CYS A 44 13.09 -7.28 7.34
N ALA A 45 13.01 -8.40 6.64
CA ALA A 45 12.11 -9.47 7.03
C ALA A 45 12.64 -10.46 8.07
N GLY A 46 13.95 -10.63 8.11
CA GLY A 46 14.55 -11.70 8.92
C GLY A 46 14.59 -13.07 8.25
N HIS A 47 14.37 -13.14 6.95
CA HIS A 47 14.27 -14.40 6.25
C HIS A 47 15.62 -15.10 6.19
N ASP A 48 15.59 -16.42 6.19
CA ASP A 48 16.80 -17.22 5.98
C ASP A 48 16.95 -17.51 4.48
N ASN A 49 17.77 -16.71 3.77
CA ASN A 49 18.14 -16.85 2.40
C ASN A 49 19.16 -17.90 2.13
N ASN A 50 19.70 -18.49 3.18
N ASN A 50 19.75 -18.51 3.17
CA ASN A 50 20.78 -19.39 3.08
CA ASN A 50 20.78 -19.57 2.99
C ASN A 50 20.27 -20.81 3.31
C ASN A 50 20.27 -20.99 3.01
N GLN A 51 18.99 -21.12 2.97
CA GLN A 51 18.31 -22.40 2.95
C GLN A 51 17.47 -22.42 1.64
N PRO A 52 17.18 -23.58 1.07
CA PRO A 52 16.26 -23.68 -0.09
C PRO A 52 14.89 -23.10 0.22
N ASP A 53 14.29 -22.46 -0.78
CA ASP A 53 13.03 -21.90 -0.64
C ASP A 53 11.91 -22.95 -0.34
N SER A 54 10.99 -22.61 0.53
CA SER A 54 9.81 -23.39 0.82
C SER A 54 8.64 -22.40 0.93
N PHE A 55 7.45 -22.90 0.64
CA PHE A 55 6.24 -22.09 0.77
C PHE A 55 6.10 -21.59 2.22
N ALA A 56 6.22 -22.52 3.21
CA ALA A 56 5.96 -22.13 4.58
C ALA A 56 6.94 -21.08 5.03
N ALA A 57 8.23 -21.21 4.72
CA ALA A 57 9.21 -20.24 5.17
C ALA A 57 9.02 -18.91 4.48
N LEU A 58 8.77 -18.92 3.19
CA LEU A 58 8.54 -17.65 2.42
C LEU A 58 7.37 -16.91 3.00
N LEU A 59 6.24 -17.59 3.20
CA LEU A 59 5.05 -16.89 3.69
C LEU A 59 5.17 -16.49 5.14
N SER A 60 5.83 -17.33 5.96
CA SER A 60 6.09 -16.91 7.34
C SER A 60 6.93 -15.61 7.37
N SER A 61 7.95 -15.53 6.51
CA SER A 61 8.73 -14.34 6.46
C SER A 61 7.97 -13.16 5.90
N LEU A 62 7.12 -13.37 4.89
CA LEU A 62 6.31 -12.27 4.38
CA LEU A 62 6.26 -12.27 4.39
C LEU A 62 5.39 -11.76 5.52
N ASN A 63 4.78 -12.68 6.28
CA ASN A 63 3.92 -12.25 7.34
C ASN A 63 4.66 -11.46 8.43
N GLU A 64 5.88 -11.92 8.77
CA GLU A 64 6.74 -11.22 9.72
C GLU A 64 7.08 -9.81 9.22
N LEU A 65 7.41 -9.71 7.94
CA LEU A 65 7.66 -8.44 7.29
C LEU A 65 6.39 -7.57 7.35
N GLY A 66 5.25 -8.15 7.14
CA GLY A 66 4.02 -7.40 7.22
C GLY A 66 3.79 -6.84 8.63
N GLU A 67 4.07 -7.60 9.67
CA GLU A 67 3.96 -7.13 11.06
C GLU A 67 4.94 -5.96 11.25
N ARG A 68 6.18 -6.12 10.79
CA ARG A 68 7.18 -5.10 10.99
C ARG A 68 6.79 -3.85 10.22
N GLN A 69 6.33 -3.99 8.97
CA GLN A 69 5.88 -2.89 8.18
C GLN A 69 4.69 -2.18 8.85
N LEU A 70 3.74 -2.94 9.40
CA LEU A 70 2.60 -2.35 10.05
C LEU A 70 3.02 -1.38 11.17
N VAL A 71 4.00 -1.78 11.99
CA VAL A 71 4.46 -0.87 13.06
C VAL A 71 4.93 0.44 12.44
N HIS A 72 5.68 0.40 11.34
CA HIS A 72 6.16 1.61 10.66
C HIS A 72 5.03 2.37 10.02
N VAL A 73 4.08 1.70 9.40
CA VAL A 73 2.98 2.37 8.75
C VAL A 73 2.14 3.15 9.78
N VAL A 74 1.94 2.56 10.95
CA VAL A 74 1.19 3.27 12.01
C VAL A 74 1.93 4.52 12.42
N LYS A 75 3.22 4.44 12.64
CA LYS A 75 3.99 5.61 13.09
C LYS A 75 4.04 6.67 11.99
N TRP A 76 4.15 6.28 10.74
CA TRP A 76 4.13 7.19 9.58
C TRP A 76 2.79 7.87 9.50
N ALA A 77 1.70 7.09 9.53
CA ALA A 77 0.38 7.65 9.34
C ALA A 77 0.06 8.68 10.39
N LYS A 78 0.38 8.35 11.65
CA LYS A 78 0.13 9.22 12.77
C LYS A 78 0.86 10.53 12.71
N ALA A 79 1.94 10.56 11.93
CA ALA A 79 2.77 11.78 11.77
C ALA A 79 2.40 12.57 10.50
N LEU A 80 1.40 12.14 9.77
CA LEU A 80 1.03 12.85 8.56
C LEU A 80 0.35 14.18 8.89
N PRO A 81 0.52 15.19 8.00
CA PRO A 81 -0.25 16.44 8.14
C PRO A 81 -1.73 16.17 8.26
N GLY A 82 -2.32 16.75 9.29
CA GLY A 82 -3.73 16.69 9.54
C GLY A 82 -4.32 15.41 10.07
N PHE A 83 -3.49 14.39 10.30
CA PHE A 83 -4.01 13.13 10.70
C PHE A 83 -4.80 13.19 11.99
N ARG A 84 -4.38 14.04 12.93
CA ARG A 84 -5.12 14.26 14.25
CA ARG A 84 -5.10 14.23 14.21
C ARG A 84 -6.47 14.93 14.09
N ASN A 85 -6.78 15.42 12.88
CA ASN A 85 -8.15 15.89 12.60
C ASN A 85 -9.13 14.71 12.63
N LEU A 86 -8.69 13.47 12.34
CA LEU A 86 -9.62 12.37 12.37
C LEU A 86 -10.02 12.03 13.82
N HIS A 87 -11.27 11.65 13.97
CA HIS A 87 -11.72 11.11 15.21
C HIS A 87 -10.83 9.98 15.65
N VAL A 88 -10.54 9.95 16.92
CA VAL A 88 -9.65 8.98 17.40
C VAL A 88 -10.20 7.61 17.12
N ASP A 89 -11.53 7.46 17.08
CA ASP A 89 -12.15 6.19 16.87
C ASP A 89 -11.88 5.67 15.42
N ASP A 90 -11.45 6.52 14.45
CA ASP A 90 -11.29 6.26 13.05
C ASP A 90 -9.84 6.12 12.61
N GLN A 91 -8.94 6.55 13.46
CA GLN A 91 -7.52 6.65 13.06
C GLN A 91 -6.98 5.26 12.80
N MET A 92 -7.16 4.35 13.77
CA MET A 92 -6.62 3.04 13.54
C MET A 92 -7.30 2.31 12.38
N ALA A 93 -8.61 2.45 12.28
CA ALA A 93 -9.37 1.75 11.28
C ALA A 93 -8.88 2.12 9.85
N VAL A 94 -8.67 3.41 9.61
CA VAL A 94 -8.22 3.72 8.21
CA VAL A 94 -8.22 3.91 8.36
C VAL A 94 -6.85 3.23 7.96
N ILE A 95 -5.94 3.19 8.96
CA ILE A 95 -4.67 2.58 8.75
C ILE A 95 -4.82 1.10 8.42
N GLN A 96 -5.63 0.38 9.24
CA GLN A 96 -5.80 -1.03 9.03
C GLN A 96 -6.41 -1.35 7.65
N TYR A 97 -7.45 -0.62 7.29
CA TYR A 97 -8.02 -0.89 5.97
C TYR A 97 -7.05 -0.66 4.80
N SER A 98 -6.20 0.35 4.96
CA SER A 98 -5.32 0.77 3.86
C SER A 98 -3.97 0.08 3.84
N TRP A 99 -3.63 -0.63 4.94
CA TRP A 99 -2.31 -1.19 5.12
C TRP A 99 -1.83 -1.99 3.92
N MET A 100 -2.63 -2.91 3.40
CA MET A 100 -2.20 -3.74 2.28
C MET A 100 -1.90 -2.92 1.04
N GLY A 101 -2.78 -2.01 0.71
CA GLY A 101 -2.52 -1.14 -0.47
C GLY A 101 -1.31 -0.30 -0.32
N LEU A 102 -1.08 0.25 0.88
CA LEU A 102 0.12 1.04 1.15
C LEU A 102 1.35 0.18 0.95
N MET A 103 1.32 -1.08 1.45
CA MET A 103 2.45 -1.97 1.25
C MET A 103 2.73 -2.24 -0.23
N VAL A 104 1.68 -2.52 -0.97
CA VAL A 104 1.79 -2.76 -2.40
C VAL A 104 2.46 -1.58 -3.09
N PHE A 105 1.95 -0.38 -2.85
CA PHE A 105 2.40 0.83 -3.60
C PHE A 105 3.87 1.08 -3.24
N ALA A 106 4.24 1.04 -1.96
CA ALA A 106 5.60 1.30 -1.57
C ALA A 106 6.55 0.21 -2.11
N MET A 107 6.13 -1.04 -2.16
CA MET A 107 6.99 -2.13 -2.64
C MET A 107 7.19 -1.98 -4.15
N GLY A 108 6.15 -1.59 -4.87
CA GLY A 108 6.32 -1.33 -6.28
C GLY A 108 7.39 -0.29 -6.55
N TRP A 109 7.34 0.80 -5.76
CA TRP A 109 8.35 1.84 -5.87
C TRP A 109 9.74 1.36 -5.61
N ARG A 110 9.92 0.61 -4.48
CA ARG A 110 11.21 0.03 -4.14
C ARG A 110 11.70 -0.87 -5.28
N SER A 111 10.83 -1.68 -5.85
CA SER A 111 11.21 -2.57 -6.89
C SER A 111 11.71 -1.79 -8.15
N PHE A 112 11.02 -0.74 -8.48
CA PHE A 112 11.42 0.10 -9.60
C PHE A 112 12.80 0.75 -9.34
N THR A 113 12.92 1.43 -8.18
CA THR A 113 14.11 2.20 -7.88
C THR A 113 15.31 1.35 -7.63
N ASN A 114 15.16 0.18 -6.98
CA ASN A 114 16.30 -0.60 -6.58
C ASN A 114 16.75 -1.58 -7.64
N VAL A 115 15.82 -2.18 -8.36
CA VAL A 115 16.12 -3.26 -9.27
C VAL A 115 15.45 -3.14 -10.63
N ASN A 116 14.95 -1.97 -10.99
CA ASN A 116 14.35 -1.70 -12.27
C ASN A 116 13.32 -2.73 -12.59
N SER A 117 12.54 -3.14 -11.58
CA SER A 117 11.44 -4.10 -11.74
C SER A 117 11.85 -5.48 -12.12
N ARG A 118 13.13 -5.80 -12.01
N ARG A 118 13.11 -5.85 -11.99
CA ARG A 118 13.58 -7.18 -12.32
CA ARG A 118 13.51 -7.22 -12.35
C ARG A 118 13.06 -8.20 -11.32
C ARG A 118 13.13 -8.24 -11.29
N MET A 119 12.84 -7.76 -10.10
CA MET A 119 12.42 -8.58 -8.98
C MET A 119 11.45 -7.69 -8.18
N LEU A 120 10.70 -8.40 -7.27
CA LEU A 120 9.88 -7.70 -6.31
C LEU A 120 10.67 -7.52 -5.03
N TYR A 121 10.96 -6.26 -4.70
CA TYR A 121 11.81 -5.91 -3.57
C TYR A 121 10.95 -5.71 -2.33
N PHE A 122 10.46 -6.84 -1.79
CA PHE A 122 9.68 -6.74 -0.56
C PHE A 122 10.54 -6.17 0.57
N ALA A 123 11.79 -6.60 0.64
CA ALA A 123 12.77 -6.16 1.62
C ALA A 123 14.13 -6.49 1.06
N PRO A 124 15.21 -5.91 1.61
CA PRO A 124 16.52 -6.27 1.09
C PRO A 124 16.83 -7.76 1.19
N ASP A 125 16.28 -8.41 2.20
CA ASP A 125 16.41 -9.84 2.49
C ASP A 125 15.18 -10.66 2.09
N LEU A 126 14.33 -10.07 1.26
CA LEU A 126 13.15 -10.83 0.79
C LEU A 126 12.82 -10.28 -0.60
N VAL A 127 13.65 -10.66 -1.55
CA VAL A 127 13.50 -10.25 -2.95
C VAL A 127 12.96 -11.43 -3.74
N PHE A 128 11.84 -11.24 -4.42
CA PHE A 128 11.21 -12.32 -5.18
C PHE A 128 11.58 -12.26 -6.62
N ASN A 129 12.23 -13.31 -7.09
CA ASN A 129 12.34 -13.65 -8.50
C ASN A 129 11.11 -14.46 -8.91
N GLU A 130 10.98 -14.83 -10.19
CA GLU A 130 9.79 -15.56 -10.62
C GLU A 130 9.67 -16.91 -9.93
N TYR A 131 10.81 -17.58 -9.67
CA TYR A 131 10.73 -18.84 -8.94
C TYR A 131 9.99 -18.65 -7.61
N ARG A 132 10.35 -17.59 -6.87
CA ARG A 132 9.74 -17.29 -5.59
C ARG A 132 8.28 -16.84 -5.77
N MET A 133 7.97 -16.07 -6.80
CA MET A 133 6.62 -15.75 -7.03
C MET A 133 5.77 -16.98 -7.19
N HIS A 134 6.25 -17.96 -7.92
CA HIS A 134 5.60 -19.24 -8.12
C HIS A 134 5.50 -19.99 -6.81
N LYS A 135 6.62 -20.11 -6.08
CA LYS A 135 6.62 -20.88 -4.85
C LYS A 135 5.67 -20.33 -3.81
N SER A 136 5.50 -19.05 -3.76
CA SER A 136 4.62 -18.34 -2.81
C SER A 136 3.15 -18.62 -3.02
N ARG A 137 2.77 -19.16 -4.19
CA ARG A 137 1.38 -19.41 -4.52
C ARG A 137 0.58 -18.13 -4.73
N MET A 138 1.32 -17.00 -4.88
CA MET A 138 0.64 -15.72 -5.20
CA MET A 138 0.82 -15.66 -5.09
C MET A 138 1.26 -15.16 -6.47
N TYR A 139 1.47 -16.05 -7.42
CA TYR A 139 2.08 -15.62 -8.66
C TYR A 139 1.35 -14.50 -9.37
N SER A 140 0.04 -14.60 -9.51
CA SER A 140 -0.73 -13.62 -10.23
CA SER A 140 -0.76 -13.60 -10.20
C SER A 140 -0.62 -12.24 -9.55
N GLN A 141 -0.77 -12.22 -8.25
CA GLN A 141 -0.63 -10.99 -7.48
C GLN A 141 0.73 -10.39 -7.68
N CYS A 142 1.76 -11.23 -7.62
CA CYS A 142 3.11 -10.80 -7.80
C CYS A 142 3.34 -10.17 -9.20
N VAL A 143 2.88 -10.80 -10.25
CA VAL A 143 3.14 -10.22 -11.56
CA VAL A 143 3.09 -10.25 -11.59
C VAL A 143 2.35 -8.91 -11.75
N ARG A 144 1.20 -8.80 -11.11
CA ARG A 144 0.49 -7.53 -11.13
C ARG A 144 1.30 -6.44 -10.39
N MET A 145 1.96 -6.79 -9.31
CA MET A 145 2.84 -5.87 -8.64
C MET A 145 4.06 -5.52 -9.47
N ARG A 146 4.58 -6.49 -10.22
CA ARG A 146 5.71 -6.18 -11.10
C ARG A 146 5.29 -5.18 -12.18
N HIS A 147 4.09 -5.35 -12.72
CA HIS A 147 3.58 -4.42 -13.70
C HIS A 147 3.45 -3.03 -13.09
N LEU A 148 2.91 -2.94 -11.86
CA LEU A 148 2.86 -1.64 -11.15
C LEU A 148 4.25 -1.03 -11.00
N SER A 149 5.24 -1.81 -10.59
CA SER A 149 6.61 -1.35 -10.54
C SER A 149 7.04 -0.72 -11.83
N GLN A 150 6.75 -1.44 -12.93
CA GLN A 150 7.13 -0.94 -14.27
C GLN A 150 6.50 0.37 -14.57
N GLU A 151 5.24 0.54 -14.19
CA GLU A 151 4.50 1.75 -14.41
C GLU A 151 5.13 2.94 -13.74
N PHE A 152 5.74 2.79 -12.58
CA PHE A 152 6.47 3.90 -11.96
C PHE A 152 7.51 4.47 -12.94
N GLY A 153 8.17 3.59 -13.66
CA GLY A 153 9.15 4.03 -14.66
C GLY A 153 8.51 4.53 -15.95
N TRP A 154 7.54 3.83 -16.48
CA TRP A 154 6.91 4.25 -17.74
C TRP A 154 6.25 5.61 -17.62
N LEU A 155 5.60 5.87 -16.48
CA LEU A 155 4.97 7.13 -16.20
C LEU A 155 5.92 8.20 -15.67
N GLN A 156 7.16 7.85 -15.44
CA GLN A 156 8.14 8.80 -14.92
C GLN A 156 7.62 9.42 -13.63
N ILE A 157 7.09 8.61 -12.72
CA ILE A 157 6.61 9.12 -11.42
C ILE A 157 7.82 9.70 -10.66
N THR A 158 7.63 10.91 -10.17
CA THR A 158 8.69 11.57 -9.46
C THR A 158 8.63 11.11 -7.98
N PRO A 159 9.77 11.29 -7.24
CA PRO A 159 9.72 10.92 -5.86
C PRO A 159 8.68 11.62 -5.06
N GLN A 160 8.42 12.88 -5.40
CA GLN A 160 7.45 13.73 -4.74
C GLN A 160 5.99 13.35 -5.06
N GLU A 161 5.73 13.02 -6.36
CA GLU A 161 4.47 12.38 -6.72
C GLU A 161 4.24 11.09 -5.93
N PHE A 162 5.25 10.22 -5.88
CA PHE A 162 5.16 9.01 -5.12
C PHE A 162 4.74 9.27 -3.68
N LEU A 163 5.41 10.22 -3.02
CA LEU A 163 5.14 10.50 -1.59
C LEU A 163 3.71 11.01 -1.49
N CYS A 164 3.23 11.88 -2.32
N CYS A 164 3.24 12.01 -2.24
CA CYS A 164 1.91 12.43 -2.12
CA CYS A 164 1.84 12.46 -2.08
C CYS A 164 0.81 11.40 -2.46
C CYS A 164 0.84 11.32 -2.43
N MET A 165 1.09 10.60 -3.50
CA MET A 165 0.19 9.54 -3.83
C MET A 165 0.04 8.54 -2.72
N LYS A 166 1.17 8.15 -2.14
CA LYS A 166 1.11 7.18 -1.05
C LYS A 166 0.29 7.69 0.11
N ALA A 167 0.49 8.95 0.48
CA ALA A 167 -0.34 9.56 1.55
C ALA A 167 -1.79 9.53 1.21
N LEU A 168 -2.15 9.90 -0.05
CA LEU A 168 -3.53 9.89 -0.47
C LEU A 168 -4.12 8.47 -0.38
N LEU A 169 -3.34 7.47 -0.68
CA LEU A 169 -3.73 6.12 -0.64
C LEU A 169 -4.22 5.73 0.75
N LEU A 170 -3.74 6.31 1.82
CA LEU A 170 -4.22 6.04 3.20
C LEU A 170 -5.69 6.43 3.32
N PHE A 171 -6.09 7.50 2.64
CA PHE A 171 -7.42 8.07 2.70
C PHE A 171 -8.29 7.66 1.54
N SER A 172 -8.21 6.38 1.16
CA SER A 172 -8.90 5.88 -0.01
C SER A 172 -9.79 4.64 0.22
N ILE A 173 -10.23 4.37 1.46
CA ILE A 173 -11.11 3.25 1.79
CA ILE A 173 -11.09 3.24 1.68
C ILE A 173 -12.00 3.57 2.89
N ILE A 174 -13.34 3.45 2.72
CA ILE A 174 -14.25 3.94 3.75
C ILE A 174 -15.42 2.89 3.91
N PRO A 175 -15.99 2.89 5.12
CA PRO A 175 -17.10 2.00 5.38
C PRO A 175 -18.42 2.53 4.89
N VAL A 176 -19.24 1.65 4.40
CA VAL A 176 -20.59 2.03 3.95
C VAL A 176 -21.37 2.70 5.06
N ASP A 177 -21.27 2.23 6.28
CA ASP A 177 -22.02 2.72 7.40
C ASP A 177 -21.44 3.97 8.01
N GLY A 178 -20.36 4.49 7.45
CA GLY A 178 -19.76 5.74 7.90
C GLY A 178 -18.67 5.58 8.94
N LEU A 179 -17.66 6.42 8.86
CA LEU A 179 -16.68 6.62 9.92
C LEU A 179 -17.35 7.33 11.13
N LYS A 180 -16.74 7.29 12.30
CA LYS A 180 -17.28 7.97 13.49
C LYS A 180 -17.46 9.43 13.15
N ASN A 181 -16.50 10.10 12.43
CA ASN A 181 -16.68 11.41 11.89
C ASN A 181 -16.26 11.43 10.43
N GLN A 182 -17.21 11.16 9.58
CA GLN A 182 -16.99 11.09 8.14
C GLN A 182 -16.56 12.45 7.58
N LYS A 183 -17.12 13.53 8.09
CA LYS A 183 -16.81 14.85 7.55
C LYS A 183 -15.34 15.18 7.77
N PHE A 184 -14.77 14.82 8.92
CA PHE A 184 -13.36 15.13 9.14
C PHE A 184 -12.48 14.35 8.18
N PHE A 185 -12.82 13.12 7.88
CA PHE A 185 -12.12 12.33 6.87
C PHE A 185 -12.23 12.95 5.49
N ASP A 186 -13.48 13.32 5.14
CA ASP A 186 -13.73 13.88 3.84
C ASP A 186 -12.87 15.12 3.54
N GLU A 187 -12.79 15.98 4.56
CA GLU A 187 -12.00 17.20 4.44
C GLU A 187 -10.53 16.85 4.30
N LEU A 188 -10.02 15.91 5.04
CA LEU A 188 -8.64 15.53 4.96
C LEU A 188 -8.28 14.97 3.60
N ARG A 189 -9.11 14.07 3.11
CA ARG A 189 -8.93 13.49 1.79
C ARG A 189 -8.89 14.61 0.71
N MET A 190 -9.86 15.52 0.80
CA MET A 190 -9.87 16.65 -0.10
C MET A 190 -8.53 17.38 -0.07
N ASN A 191 -8.01 17.67 1.09
CA ASN A 191 -6.80 18.38 1.19
C ASN A 191 -5.59 17.65 0.59
N TYR A 192 -5.57 16.31 0.71
CA TYR A 192 -4.49 15.55 0.08
C TYR A 192 -4.64 15.56 -1.45
N ILE A 193 -5.85 15.54 -2.00
CA ILE A 193 -6.05 15.69 -3.44
C ILE A 193 -5.52 17.06 -3.85
N LYS A 194 -5.83 18.11 -3.09
CA LYS A 194 -5.34 19.48 -3.40
C LYS A 194 -3.80 19.53 -3.42
N GLU A 195 -3.15 18.83 -2.47
CA GLU A 195 -1.71 18.79 -2.50
C GLU A 195 -1.17 18.11 -3.75
N LEU A 196 -1.82 17.03 -4.16
CA LEU A 196 -1.42 16.39 -5.37
C LEU A 196 -1.55 17.32 -6.55
N ASP A 197 -2.67 18.09 -6.65
CA ASP A 197 -2.85 19.12 -7.66
C ASP A 197 -1.68 20.11 -7.65
N ARG A 198 -1.27 20.57 -6.48
CA ARG A 198 -0.18 21.53 -6.35
C ARG A 198 1.11 20.98 -6.87
N ILE A 199 1.37 19.70 -6.61
CA ILE A 199 2.61 19.08 -7.06
C ILE A 199 2.59 18.95 -8.57
N ILE A 200 1.46 18.59 -9.14
CA ILE A 200 1.37 18.47 -10.57
C ILE A 200 1.56 19.83 -11.27
N ALA A 201 0.99 20.89 -10.69
CA ALA A 201 1.01 22.20 -11.35
C ALA A 201 2.38 22.89 -11.28
N CYS A 202 3.20 22.52 -10.29
N CYS A 202 3.25 22.38 -10.39
CA CYS A 202 4.51 23.19 -10.11
CA CYS A 202 4.53 23.05 -10.05
C CYS A 202 5.30 23.47 -11.40
C CYS A 202 5.47 23.33 -11.22
N LYS A 203 5.61 22.41 -12.17
CA LYS A 203 6.43 22.75 -13.39
C LYS A 203 5.60 22.72 -14.68
N ARG A 204 4.30 22.93 -14.57
CA ARG A 204 3.38 22.77 -15.69
C ARG A 204 2.59 24.00 -15.94
N LYS A 205 2.57 24.37 -17.20
CA LYS A 205 2.35 25.78 -17.55
C LYS A 205 1.06 25.96 -18.36
N ASN A 206 0.20 24.98 -18.18
CA ASN A 206 -0.80 24.56 -19.09
C ASN A 206 -1.81 23.63 -18.32
N PRO A 207 -3.09 24.06 -18.14
CA PRO A 207 -4.08 23.24 -17.42
C PRO A 207 -4.35 21.88 -18.12
N THR A 208 -4.16 21.81 -19.43
CA THR A 208 -4.31 20.55 -20.20
C THR A 208 -3.21 19.54 -19.72
N SER A 209 -1.96 20.01 -19.54
CA SER A 209 -0.88 19.11 -19.16
CA SER A 209 -0.86 19.13 -19.16
C SER A 209 -1.18 18.63 -17.74
N CYS A 210 -1.69 19.54 -16.85
CA CYS A 210 -2.01 19.16 -15.49
C CYS A 210 -3.12 18.03 -15.54
N SER A 211 -4.18 18.24 -16.34
N SER A 211 -4.15 18.25 -16.36
CA SER A 211 -5.26 17.26 -16.41
CA SER A 211 -5.23 17.31 -16.47
C SER A 211 -4.81 15.92 -16.88
C SER A 211 -4.81 15.94 -16.89
N ARG A 212 -3.96 15.90 -17.91
CA ARG A 212 -3.43 14.66 -18.38
C ARG A 212 -2.62 13.92 -17.31
N ARG A 213 -1.83 14.68 -16.54
CA ARG A 213 -1.06 14.05 -15.47
C ARG A 213 -1.99 13.54 -14.37
N PHE A 214 -2.99 14.28 -13.97
CA PHE A 214 -3.92 13.85 -12.93
C PHE A 214 -4.61 12.57 -13.34
N TYR A 215 -5.02 12.49 -14.57
CA TYR A 215 -5.61 11.28 -15.11
C TYR A 215 -4.71 10.06 -14.95
N GLN A 216 -3.45 10.22 -15.39
CA GLN A 216 -2.49 9.15 -15.26
C GLN A 216 -2.31 8.74 -13.78
N LEU A 217 -2.14 9.69 -12.88
CA LEU A 217 -1.83 9.36 -11.51
C LEU A 217 -3.02 8.69 -10.79
N THR A 218 -4.24 9.17 -11.08
CA THR A 218 -5.41 8.59 -10.46
C THR A 218 -5.71 7.19 -11.00
N LYS A 219 -5.46 6.95 -12.31
CA LYS A 219 -5.54 5.63 -12.84
C LYS A 219 -4.56 4.70 -12.10
N LEU A 220 -3.34 5.16 -11.90
CA LEU A 220 -2.34 4.32 -11.21
C LEU A 220 -2.80 4.00 -9.76
N LEU A 221 -3.27 5.00 -9.07
CA LEU A 221 -3.77 4.78 -7.71
C LEU A 221 -4.92 3.82 -7.74
N ASP A 222 -5.88 3.96 -8.62
CA ASP A 222 -6.98 3.02 -8.63
C ASP A 222 -6.47 1.57 -8.85
N SER A 223 -5.43 1.38 -9.62
CA SER A 223 -4.94 0.08 -9.94
C SER A 223 -4.36 -0.66 -8.73
N VAL A 224 -4.02 0.05 -7.66
CA VAL A 224 -3.55 -0.61 -6.43
C VAL A 224 -4.65 -1.47 -5.82
N GLN A 225 -5.89 -0.97 -5.92
CA GLN A 225 -6.98 -1.53 -5.17
C GLN A 225 -7.32 -2.96 -5.51
N PRO A 226 -7.40 -3.30 -6.78
CA PRO A 226 -7.67 -4.74 -7.11
C PRO A 226 -6.55 -5.66 -6.68
N ILE A 227 -5.32 -5.14 -6.70
CA ILE A 227 -4.17 -5.94 -6.22
C ILE A 227 -4.30 -6.22 -4.74
N ALA A 228 -4.56 -5.15 -4.01
CA ALA A 228 -4.75 -5.30 -2.54
C ALA A 228 -5.88 -6.24 -2.23
N ARG A 229 -6.96 -6.21 -3.02
CA ARG A 229 -8.10 -7.12 -2.76
C ARG A 229 -7.67 -8.58 -2.96
N GLU A 230 -6.94 -8.86 -4.03
N GLU A 230 -6.91 -8.87 -4.02
CA GLU A 230 -6.44 -10.20 -4.27
CA GLU A 230 -6.46 -10.22 -4.25
C GLU A 230 -5.49 -10.66 -3.18
C GLU A 230 -5.47 -10.68 -3.19
N LEU A 231 -4.63 -9.79 -2.70
CA LEU A 231 -3.74 -10.12 -1.59
C LEU A 231 -4.52 -10.31 -0.29
N HIS A 232 -5.55 -9.52 -0.06
CA HIS A 232 -6.45 -9.74 1.12
C HIS A 232 -7.12 -11.09 1.06
N GLN A 233 -7.59 -11.49 -0.14
CA GLN A 233 -8.24 -12.79 -0.25
CA GLN A 233 -8.22 -12.78 -0.32
C GLN A 233 -7.26 -13.92 0.06
N PHE A 234 -6.04 -13.82 -0.48
CA PHE A 234 -5.02 -14.83 -0.20
C PHE A 234 -4.67 -14.90 1.26
N ALA A 235 -4.47 -13.73 1.88
CA ALA A 235 -4.11 -13.64 3.28
C ALA A 235 -5.17 -14.30 4.16
N PHE A 236 -6.43 -13.96 3.83
CA PHE A 236 -7.56 -14.52 4.58
C PHE A 236 -7.61 -16.04 4.42
N ASP A 237 -7.50 -16.53 3.22
CA ASP A 237 -7.56 -17.98 2.98
C ASP A 237 -6.44 -18.69 3.67
N LEU A 238 -5.25 -18.06 3.66
CA LEU A 238 -4.09 -18.65 4.31
C LEU A 238 -4.22 -18.64 5.82
N LEU A 239 -4.75 -17.58 6.39
CA LEU A 239 -4.95 -17.55 7.82
C LEU A 239 -5.89 -18.67 8.22
N ILE A 240 -7.01 -18.85 7.53
CA ILE A 240 -7.99 -19.88 7.85
C ILE A 240 -7.36 -21.29 7.82
N LYS A 241 -6.45 -21.54 6.92
CA LYS A 241 -5.76 -22.83 6.87
C LYS A 241 -4.38 -22.84 7.49
N SER A 242 -4.04 -21.85 8.30
CA SER A 242 -2.60 -21.64 8.61
C SER A 242 -2.04 -22.79 9.40
N HIS A 243 -2.86 -23.35 10.35
CA HIS A 243 -2.54 -24.45 11.24
C HIS A 243 -2.28 -25.72 10.45
N MET A 244 -2.70 -25.85 9.20
CA MET A 244 -2.42 -27.01 8.27
C MET A 244 -1.19 -26.92 7.35
N VAL A 245 -0.77 -25.70 7.08
CA VAL A 245 0.33 -25.38 6.11
C VAL A 245 1.59 -24.82 6.82
N SER A 246 1.61 -24.84 8.17
CA SER A 246 2.82 -24.37 8.91
C SER A 246 3.28 -22.90 8.60
N VAL A 247 2.30 -22.03 8.61
CA VAL A 247 2.59 -20.62 8.37
C VAL A 247 2.14 -19.82 9.60
N ASP A 248 3.06 -19.08 10.16
CA ASP A 248 2.83 -18.23 11.32
C ASP A 248 2.37 -16.84 10.91
N PHE A 249 1.32 -16.37 11.62
CA PHE A 249 0.77 -15.03 11.51
C PHE A 249 0.98 -14.28 12.84
N PRO A 250 1.81 -13.27 12.87
CA PRO A 250 1.96 -12.41 14.02
C PRO A 250 0.68 -11.75 14.46
N GLU A 251 0.61 -11.42 15.73
CA GLU A 251 -0.59 -10.94 16.37
C GLU A 251 -1.32 -9.83 15.68
N MET A 252 -0.65 -8.73 15.36
N MET A 252 -0.66 -8.72 15.36
CA MET A 252 -1.39 -7.52 14.93
CA MET A 252 -1.41 -7.52 14.95
C MET A 252 -1.94 -7.71 13.55
C MET A 252 -1.96 -7.71 13.58
N MET A 253 -1.14 -8.28 12.67
N MET A 253 -1.17 -8.26 12.70
CA MET A 253 -1.56 -8.48 11.31
CA MET A 253 -1.63 -8.48 11.37
C MET A 253 -2.64 -9.60 11.29
C MET A 253 -2.67 -9.60 11.32
N ALA A 254 -2.59 -10.60 12.20
CA ALA A 254 -3.61 -11.60 12.28
C ALA A 254 -5.00 -11.00 12.60
N GLU A 255 -4.95 -10.06 13.56
CA GLU A 255 -6.14 -9.36 13.92
C GLU A 255 -6.73 -8.57 12.74
N ILE A 256 -5.87 -7.89 11.99
CA ILE A 256 -6.34 -7.18 10.82
C ILE A 256 -7.00 -8.15 9.86
N ILE A 257 -6.37 -9.29 9.60
CA ILE A 257 -6.88 -10.21 8.60
C ILE A 257 -8.19 -10.86 9.00
N SER A 258 -8.38 -11.07 10.31
CA SER A 258 -9.61 -11.71 10.77
C SER A 258 -10.74 -10.75 11.16
N VAL A 259 -10.43 -9.49 11.40
CA VAL A 259 -11.41 -8.51 11.82
C VAL A 259 -11.73 -7.47 10.76
N GLN A 260 -10.70 -6.82 10.23
CA GLN A 260 -10.88 -5.75 9.28
CA GLN A 260 -10.91 -5.73 9.24
C GLN A 260 -11.02 -6.25 7.86
N VAL A 261 -10.12 -7.14 7.43
CA VAL A 261 -10.14 -7.64 6.03
C VAL A 261 -11.51 -8.27 5.63
N PRO A 262 -12.17 -9.03 6.53
CA PRO A 262 -13.46 -9.57 6.08
C PRO A 262 -14.52 -8.47 5.83
N LYS A 263 -14.40 -7.35 6.52
CA LYS A 263 -15.30 -6.24 6.26
C LYS A 263 -15.11 -5.72 4.82
N ILE A 264 -13.87 -5.70 4.34
CA ILE A 264 -13.58 -5.31 2.96
C ILE A 264 -14.07 -6.37 2.04
N LEU A 265 -13.76 -7.63 2.28
CA LEU A 265 -14.08 -8.72 1.35
C LEU A 265 -15.59 -8.98 1.26
N SER A 266 -16.35 -8.66 2.32
CA SER A 266 -17.84 -8.79 2.36
C SER A 266 -18.51 -7.52 1.78
N GLY A 267 -17.78 -6.48 1.45
CA GLY A 267 -18.33 -5.26 0.85
C GLY A 267 -18.84 -4.25 1.82
N LYS A 268 -18.61 -4.39 3.10
CA LYS A 268 -18.96 -3.42 4.10
C LYS A 268 -18.06 -2.19 4.11
N VAL A 269 -16.83 -2.39 3.66
CA VAL A 269 -15.78 -1.37 3.59
C VAL A 269 -15.24 -1.44 2.18
N LYS A 270 -15.21 -0.28 1.50
CA LYS A 270 -14.96 -0.29 0.07
C LYS A 270 -13.93 0.82 -0.29
N PRO A 271 -13.10 0.55 -1.32
CA PRO A 271 -12.22 1.60 -1.80
C PRO A 271 -12.98 2.74 -2.45
N ILE A 272 -12.38 3.89 -2.45
CA ILE A 272 -12.83 5.04 -3.23
C ILE A 272 -12.03 5.00 -4.52
N TYR A 273 -12.68 4.71 -5.64
CA TYR A 273 -12.09 4.67 -6.95
C TYR A 273 -12.29 5.99 -7.61
N PHE A 274 -11.26 6.63 -8.12
CA PHE A 274 -11.42 7.85 -8.91
C PHE A 274 -12.27 7.62 -10.15
N HIS A 275 -12.05 6.50 -10.81
CA HIS A 275 -12.66 6.20 -12.12
C HIS A 275 -13.73 5.15 -12.08
N THR A 276 -14.40 5.00 -10.94
CA THR A 276 -15.61 4.10 -10.87
C THR A 276 -16.70 4.47 -11.93
N GLN A 277 -17.42 3.40 -12.35
CA GLN A 277 -18.52 3.44 -13.26
C GLN A 277 -19.76 2.61 -12.62
#